data_9J29
#
_entry.id   9J29
#
_cell.length_a   38.670
_cell.length_b   121.780
_cell.length_c   139.720
_cell.angle_alpha   90.00
_cell.angle_beta   90.00
_cell.angle_gamma   90.00
#
_symmetry.space_group_name_H-M   'P 21 21 21'
#
loop_
_entity.id
_entity.type
_entity.pdbx_description
1 polymer SzPolF
2 non-polymer 'FE (II) ION'
3 non-polymer '(2~{S},3~{Z})-3-ethylideneazetidine-2-carboxylic acid'
4 water water
#
_entity_poly.entity_id   1
_entity_poly.type   'polypeptide(L)'
_entity_poly.pdbx_seq_one_letter_code
;MSAPDTRTPLSPLPAVARAELDARTEREIDRARLRRADNGFFRSARDVESVSPADGHAVAVWWRQMTKAFMFTTLAGLGA
LARDYARRDADRELLGAFQTVYQVIGDDLDNAAPEFSAVAPTGPAGIHYVWWDDTIVAPLAAHVTEADRRAAEELPAPVR
ELLAAMDRLAAEPLGSAVQLRVVETIALDIAVGFRRVYGKVLAGGEPVFGEKDQFAWIDAHIKAETVHAAQVSDDETGMT
GLVTDAERGEEFVRLVEEYAGLWSAALECFGDRLTGAEAAVPAPAPATA
;
_entity_poly.pdbx_strand_id   A,B
#
# COMPACT_ATOMS: atom_id res chain seq x y z
N PRO A 9 -21.26 -11.56 -2.38
CA PRO A 9 -21.42 -11.09 -3.75
C PRO A 9 -20.42 -9.99 -4.15
N LEU A 10 -19.25 -10.41 -4.64
CA LEU A 10 -18.35 -9.62 -5.50
C LEU A 10 -17.42 -10.76 -5.89
N SER A 11 -17.18 -10.92 -7.20
CA SER A 11 -16.14 -11.84 -7.66
C SER A 11 -15.60 -11.46 -9.04
N PRO A 12 -14.47 -12.03 -9.45
CA PRO A 12 -13.98 -11.78 -10.82
C PRO A 12 -14.92 -12.32 -11.88
N LEU A 13 -14.70 -11.87 -13.11
CA LEU A 13 -15.37 -12.47 -14.27
C LEU A 13 -14.89 -13.91 -14.43
N PRO A 14 -15.70 -14.77 -15.07
CA PRO A 14 -15.25 -16.14 -15.34
C PRO A 14 -13.98 -16.12 -16.18
N ALA A 15 -13.22 -17.21 -16.07
CA ALA A 15 -11.87 -17.26 -16.66
C ALA A 15 -11.87 -17.16 -18.18
N VAL A 16 -13.01 -17.35 -18.84
CA VAL A 16 -13.07 -17.25 -20.29
C VAL A 16 -13.28 -15.81 -20.74
N ALA A 17 -14.17 -15.09 -20.08
CA ALA A 17 -14.30 -13.67 -20.35
C ALA A 17 -13.02 -12.92 -19.99
N ARG A 18 -12.34 -13.38 -18.92
CA ARG A 18 -11.06 -12.76 -18.53
C ARG A 18 -9.98 -13.00 -19.57
N ALA A 19 -9.88 -14.22 -20.13
CA ALA A 19 -8.86 -14.49 -21.14
C ALA A 19 -9.08 -13.64 -22.38
N GLU A 20 -10.35 -13.40 -22.74
CA GLU A 20 -10.63 -12.49 -23.84
C GLU A 20 -10.18 -11.07 -23.51
N LEU A 21 -10.34 -10.64 -22.25
CA LEU A 21 -9.85 -9.31 -21.87
C LEU A 21 -8.33 -9.25 -21.97
N ASP A 22 -7.64 -10.33 -21.62
CA ASP A 22 -6.19 -10.37 -21.76
C ASP A 22 -5.79 -10.26 -23.22
N ALA A 23 -6.50 -10.99 -24.10
CA ALA A 23 -6.14 -10.96 -25.52
C ALA A 23 -6.41 -9.59 -26.13
N ARG A 24 -7.55 -8.97 -25.80
CA ARG A 24 -7.79 -7.59 -26.22
C ARG A 24 -6.75 -6.63 -25.63
N THR A 25 -6.27 -6.92 -24.43
CA THR A 25 -5.28 -6.04 -23.80
C THR A 25 -3.94 -6.14 -24.51
N GLU A 26 -3.51 -7.37 -24.83
CA GLU A 26 -2.30 -7.56 -25.62
C GLU A 26 -2.41 -6.87 -26.97
N ARG A 27 -3.60 -6.90 -27.59
CA ARG A 27 -3.78 -6.23 -28.87
C ARG A 27 -3.69 -4.71 -28.75
N GLU A 28 -4.19 -4.14 -27.66
CA GLU A 28 -3.99 -2.71 -27.47
C GLU A 28 -2.51 -2.38 -27.37
N ILE A 29 -1.73 -3.23 -26.68
CA ILE A 29 -0.31 -2.96 -26.56
C ILE A 29 0.38 -3.07 -27.91
N ASP A 30 0.00 -4.09 -28.72
CA ASP A 30 0.52 -4.18 -30.10
C ASP A 30 0.22 -2.91 -30.88
N ARG A 31 -1.05 -2.47 -30.88
CA ARG A 31 -1.49 -1.31 -31.65
C ARG A 31 -0.82 -0.03 -31.18
N ALA A 32 -0.55 0.08 -29.88
CA ALA A 32 0.20 1.23 -29.37
C ALA A 32 1.66 1.23 -29.78
N ARG A 33 2.15 0.15 -30.41
CA ARG A 33 3.53 0.05 -30.89
C ARG A 33 4.50 0.20 -29.72
N LEU A 34 4.28 -0.61 -28.69
CA LEU A 34 5.10 -0.65 -27.50
C LEU A 34 6.03 -1.87 -27.47
N ARG A 35 5.93 -2.73 -28.47
CA ARG A 35 6.75 -3.92 -28.48
C ARG A 35 8.21 -3.60 -28.81
N ARG A 36 9.07 -4.57 -28.50
CA ARG A 36 10.51 -4.39 -28.54
C ARG A 36 11.01 -3.86 -29.88
N ALA A 37 10.49 -4.40 -30.98
CA ALA A 37 10.93 -4.00 -32.32
C ALA A 37 10.16 -2.81 -32.86
N ASP A 38 9.12 -2.34 -32.14
CA ASP A 38 8.26 -1.24 -32.56
C ASP A 38 8.76 0.13 -32.10
N ASN A 39 9.10 0.28 -30.81
CA ASN A 39 9.08 1.62 -30.22
C ASN A 39 10.41 2.34 -30.45
N GLY A 40 10.32 3.61 -30.86
CA GLY A 40 11.51 4.39 -31.19
C GLY A 40 12.53 4.47 -30.06
N PHE A 41 12.09 4.37 -28.80
CA PHE A 41 13.07 4.40 -27.71
C PHE A 41 14.01 3.18 -27.78
N PHE A 42 13.44 1.98 -27.92
CA PHE A 42 14.29 0.78 -27.94
C PHE A 42 15.18 0.76 -29.17
N ARG A 43 14.66 1.20 -30.31
CA ARG A 43 15.43 1.27 -31.56
C ARG A 43 16.62 2.21 -31.43
N SER A 44 16.36 3.44 -30.96
CA SER A 44 17.40 4.45 -30.74
C SER A 44 18.45 3.95 -29.76
N ALA A 45 18.00 3.36 -28.64
CA ALA A 45 18.92 2.86 -27.62
C ALA A 45 19.91 1.87 -28.22
N ARG A 46 19.45 1.06 -29.19
CA ARG A 46 20.24 0.07 -29.91
C ARG A 46 21.15 0.73 -30.95
N ASP A 47 20.62 1.72 -31.68
CA ASP A 47 21.18 2.27 -32.91
C ASP A 47 22.27 3.32 -32.66
N VAL A 48 22.08 4.22 -31.68
CA VAL A 48 22.94 5.40 -31.57
C VAL A 48 24.37 4.98 -31.23
N GLU A 49 25.35 5.69 -31.80
CA GLU A 49 26.72 5.32 -31.48
C GLU A 49 27.13 5.90 -30.13
N SER A 50 26.68 7.11 -29.80
CA SER A 50 26.95 7.62 -28.47
C SER A 50 25.84 8.58 -28.06
N VAL A 51 25.90 9.01 -26.81
CA VAL A 51 24.85 9.79 -26.17
C VAL A 51 25.55 10.86 -25.37
N SER A 52 25.15 12.10 -25.57
CA SER A 52 25.79 13.18 -24.84
C SER A 52 25.30 13.21 -23.39
N PRO A 53 26.10 13.81 -22.50
CA PRO A 53 25.62 14.02 -21.13
C PRO A 53 24.32 14.79 -21.06
N ALA A 54 24.19 15.86 -21.84
CA ALA A 54 22.94 16.63 -21.81
C ALA A 54 21.73 15.78 -22.21
N ASP A 55 21.88 14.98 -23.27
CA ASP A 55 20.72 14.20 -23.72
C ASP A 55 20.39 13.09 -22.73
N GLY A 56 21.41 12.37 -22.24
CA GLY A 56 21.16 11.36 -21.25
C GLY A 56 20.61 11.93 -19.97
N HIS A 57 21.14 13.08 -19.53
CA HIS A 57 20.63 13.74 -18.34
C HIS A 57 19.15 14.09 -18.50
N ALA A 58 18.76 14.64 -19.65
CA ALA A 58 17.38 15.06 -19.84
C ALA A 58 16.45 13.86 -19.78
N VAL A 59 16.77 12.80 -20.53
CA VAL A 59 16.00 11.57 -20.47
C VAL A 59 15.94 11.05 -19.03
N ALA A 60 17.05 11.11 -18.30
CA ALA A 60 17.04 10.60 -16.92
C ALA A 60 16.11 11.43 -16.01
N VAL A 61 16.07 12.74 -16.22
CA VAL A 61 15.19 13.61 -15.41
C VAL A 61 13.72 13.30 -15.69
N TRP A 62 13.35 13.20 -16.99
CA TRP A 62 11.98 12.83 -17.34
C TRP A 62 11.59 11.50 -16.72
N TRP A 63 12.50 10.52 -16.80
CA TRP A 63 12.20 9.19 -16.25
C TRP A 63 12.00 9.26 -14.75
N ARG A 64 12.85 10.02 -14.06
CA ARG A 64 12.69 10.19 -12.61
C ARG A 64 11.28 10.63 -12.28
N GLN A 65 10.77 11.65 -12.98
CA GLN A 65 9.44 12.18 -12.68
C GLN A 65 8.36 11.19 -13.09
N MET A 66 8.56 10.50 -14.22
CA MET A 66 7.56 9.54 -14.68
C MET A 66 7.44 8.35 -13.72
N THR A 67 8.56 7.89 -13.18
CA THR A 67 8.53 6.74 -12.29
C THR A 67 8.05 7.13 -10.88
N LYS A 68 8.41 8.31 -10.40
CA LYS A 68 7.78 8.80 -9.18
C LYS A 68 6.27 8.83 -9.30
N ALA A 69 5.75 9.39 -10.39
CA ALA A 69 4.31 9.46 -10.57
C ALA A 69 3.69 8.09 -10.78
N PHE A 70 4.34 7.23 -11.56
CA PHE A 70 3.84 5.87 -11.70
C PHE A 70 3.62 5.22 -10.34
N MET A 71 4.62 5.30 -9.45
CA MET A 71 4.54 4.62 -8.16
C MET A 71 3.44 5.21 -7.27
N PHE A 72 3.46 6.53 -7.10
CA PHE A 72 2.48 7.15 -6.22
C PHE A 72 1.07 7.05 -6.78
N THR A 73 0.88 7.24 -8.10
CA THR A 73 -0.50 7.16 -8.61
C THR A 73 -0.98 5.71 -8.69
N THR A 74 -0.06 4.73 -8.84
CA THR A 74 -0.49 3.34 -8.75
C THR A 74 -0.97 3.02 -7.34
N LEU A 75 -0.24 3.47 -6.31
CA LEU A 75 -0.67 3.26 -4.94
C LEU A 75 -1.99 3.98 -4.65
N ALA A 76 -2.12 5.20 -5.16
CA ALA A 76 -3.39 5.93 -5.00
C ALA A 76 -4.54 5.16 -5.62
N GLY A 77 -4.30 4.54 -6.77
CA GLY A 77 -5.35 3.77 -7.41
C GLY A 77 -5.72 2.56 -6.58
N LEU A 78 -4.73 1.93 -5.96
CA LEU A 78 -5.00 0.84 -5.04
C LEU A 78 -5.84 1.33 -3.86
N GLY A 79 -5.55 2.51 -3.35
CA GLY A 79 -6.37 3.06 -2.29
C GLY A 79 -7.81 3.26 -2.72
N ALA A 80 -8.02 3.75 -3.94
CA ALA A 80 -9.38 3.90 -4.47
C ALA A 80 -10.12 2.58 -4.46
N LEU A 81 -9.44 1.50 -4.86
CA LEU A 81 -10.07 0.20 -4.83
C LEU A 81 -10.32 -0.23 -3.38
N ALA A 82 -9.38 0.09 -2.48
CA ALA A 82 -9.55 -0.28 -1.08
C ALA A 82 -10.77 0.40 -0.47
N ARG A 83 -11.05 1.66 -0.88
CA ARG A 83 -12.25 2.36 -0.41
C ARG A 83 -13.49 1.54 -0.67
N ASP A 84 -13.61 1.00 -1.88
CA ASP A 84 -14.73 0.14 -2.25
C ASP A 84 -14.78 -1.10 -1.39
N TYR A 85 -13.68 -1.89 -1.38
CA TYR A 85 -13.64 -3.17 -0.68
C TYR A 85 -13.93 -3.04 0.82
N ALA A 86 -13.76 -1.85 1.40
CA ALA A 86 -14.08 -1.65 2.81
C ALA A 86 -15.56 -1.88 3.10
N ARG A 87 -16.39 -1.77 2.07
CA ARG A 87 -17.85 -1.80 2.18
C ARG A 87 -18.45 -2.77 1.17
N ARG A 88 -17.69 -3.81 0.80
CA ARG A 88 -18.20 -4.89 -0.04
C ARG A 88 -17.57 -6.19 0.43
N ASP A 89 -18.12 -7.32 -0.04
CA ASP A 89 -17.53 -8.62 0.28
C ASP A 89 -16.80 -9.13 -0.96
N ALA A 90 -15.56 -8.68 -1.09
CA ALA A 90 -14.68 -9.22 -2.12
C ALA A 90 -14.35 -10.66 -1.78
N ASP A 91 -14.54 -11.56 -2.75
CA ASP A 91 -14.22 -12.95 -2.50
C ASP A 91 -12.69 -13.15 -2.54
N ARG A 92 -12.27 -14.40 -2.32
CA ARG A 92 -10.86 -14.67 -2.08
C ARG A 92 -10.01 -14.55 -3.34
N GLU A 93 -10.58 -14.92 -4.50
CA GLU A 93 -9.92 -14.66 -5.78
C GLU A 93 -9.63 -13.18 -5.97
N LEU A 94 -10.64 -12.33 -5.75
CA LEU A 94 -10.45 -10.88 -5.80
C LEU A 94 -9.40 -10.41 -4.80
N LEU A 95 -9.43 -10.96 -3.59
CA LEU A 95 -8.49 -10.51 -2.57
C LEU A 95 -7.06 -10.90 -2.93
N GLY A 96 -6.87 -12.10 -3.50
CA GLY A 96 -5.56 -12.50 -3.97
C GLY A 96 -5.00 -11.53 -5.00
N ALA A 97 -5.84 -11.06 -5.91
CA ALA A 97 -5.40 -10.10 -6.92
C ALA A 97 -5.09 -8.74 -6.29
N PHE A 98 -5.84 -8.38 -5.26
CA PHE A 98 -5.56 -7.14 -4.54
C PHE A 98 -4.20 -7.23 -3.84
N GLN A 99 -3.89 -8.38 -3.22
CA GLN A 99 -2.59 -8.61 -2.61
C GLN A 99 -1.45 -8.46 -3.61
N THR A 100 -1.62 -9.04 -4.80
CA THR A 100 -0.57 -8.96 -5.83
C THR A 100 -0.21 -7.50 -6.13
N VAL A 101 -1.22 -6.65 -6.38
CA VAL A 101 -0.95 -5.25 -6.67
C VAL A 101 -0.15 -4.63 -5.54
N TYR A 102 -0.55 -4.91 -4.29
CA TYR A 102 0.17 -4.40 -3.12
C TYR A 102 1.64 -4.83 -3.15
N GLN A 103 1.87 -6.15 -3.33
CA GLN A 103 3.23 -6.69 -3.36
C GLN A 103 4.08 -6.04 -4.44
N VAL A 104 3.52 -5.90 -5.66
CA VAL A 104 4.24 -5.29 -6.78
C VAL A 104 4.58 -3.81 -6.53
N ILE A 105 3.62 -3.04 -6.00
CA ILE A 105 3.94 -1.65 -5.65
C ILE A 105 5.12 -1.61 -4.69
N GLY A 106 5.16 -2.58 -3.77
CA GLY A 106 6.23 -2.66 -2.79
C GLY A 106 7.64 -2.75 -3.36
N ASP A 107 7.79 -3.30 -4.57
CA ASP A 107 9.12 -3.28 -5.22
C ASP A 107 9.64 -1.86 -5.30
N ASP A 108 8.84 -0.94 -5.87
CA ASP A 108 9.32 0.42 -6.10
C ASP A 108 9.38 1.23 -4.82
N LEU A 109 8.51 0.94 -3.86
CA LEU A 109 8.44 1.74 -2.64
C LEU A 109 9.37 1.24 -1.56
N ASP A 110 9.62 -0.09 -1.50
CA ASP A 110 10.44 -0.65 -0.43
C ASP A 110 11.30 -1.84 -0.86
N ASN A 111 11.52 -2.07 -2.17
CA ASN A 111 12.38 -3.17 -2.62
C ASN A 111 11.98 -4.53 -2.01
N ALA A 112 10.70 -4.86 -2.20
CA ALA A 112 10.11 -6.04 -1.56
C ALA A 112 10.70 -7.33 -2.11
N ALA A 113 10.75 -7.48 -3.43
CA ALA A 113 11.32 -8.67 -4.05
C ALA A 113 12.79 -8.84 -3.63
N PRO A 114 13.24 -10.07 -3.41
CA PRO A 114 14.62 -10.28 -2.93
C PRO A 114 15.67 -9.79 -3.90
N GLU A 115 15.38 -9.83 -5.20
CA GLU A 115 16.34 -9.36 -6.21
C GLU A 115 16.63 -7.87 -6.05
N PHE A 116 15.66 -7.10 -5.55
CA PHE A 116 15.92 -5.69 -5.32
C PHE A 116 16.60 -5.46 -3.96
N SER A 117 16.11 -6.11 -2.89
CA SER A 117 16.69 -5.75 -1.59
C SER A 117 18.12 -6.27 -1.45
N ALA A 118 18.54 -7.18 -2.33
CA ALA A 118 19.92 -7.62 -2.30
C ALA A 118 20.88 -6.55 -2.79
N VAL A 119 20.41 -5.53 -3.51
CA VAL A 119 21.32 -4.50 -4.01
C VAL A 119 20.88 -3.07 -3.70
N ALA A 120 19.61 -2.81 -3.45
CA ALA A 120 19.12 -1.45 -3.31
C ALA A 120 19.52 -0.86 -1.96
N PRO A 121 19.69 0.47 -1.86
CA PRO A 121 19.82 1.12 -0.55
C PRO A 121 18.63 0.82 0.34
N THR A 122 18.82 0.86 1.65
CA THR A 122 17.70 0.73 2.57
C THR A 122 17.07 2.09 2.84
N GLY A 123 15.86 2.06 3.38
CA GLY A 123 15.10 3.27 3.65
C GLY A 123 14.69 4.02 2.41
N PRO A 124 14.36 5.30 2.57
CA PRO A 124 13.86 6.10 1.44
C PRO A 124 14.87 6.24 0.31
N ALA A 125 16.17 6.13 0.59
CA ALA A 125 17.17 6.12 -0.49
C ALA A 125 16.95 5.00 -1.49
N GLY A 126 16.24 3.92 -1.09
CA GLY A 126 15.97 2.79 -1.97
C GLY A 126 14.72 2.91 -2.84
N ILE A 127 13.83 3.85 -2.54
CA ILE A 127 12.67 4.13 -3.37
C ILE A 127 13.14 4.36 -4.79
N HIS A 128 12.50 3.69 -5.73
CA HIS A 128 13.15 3.54 -7.02
C HIS A 128 13.38 4.88 -7.71
N TYR A 129 12.42 5.82 -7.62
CA TYR A 129 12.69 7.10 -8.26
C TYR A 129 13.83 7.85 -7.60
N VAL A 130 14.00 7.67 -6.28
CA VAL A 130 15.09 8.29 -5.55
C VAL A 130 16.42 7.59 -5.85
N TRP A 131 16.40 6.26 -5.86
CA TRP A 131 17.61 5.48 -6.17
C TRP A 131 18.12 5.82 -7.56
N TRP A 132 17.18 5.99 -8.51
CA TRP A 132 17.49 6.46 -9.86
C TRP A 132 18.10 7.86 -9.83
N ASP A 133 17.45 8.78 -9.12
CA ASP A 133 17.97 10.14 -9.01
C ASP A 133 19.39 10.13 -8.46
N ASP A 134 19.66 9.29 -7.46
CA ASP A 134 20.95 9.33 -6.79
C ASP A 134 22.05 8.72 -7.66
N THR A 135 21.75 7.67 -8.42
CA THR A 135 22.80 6.93 -9.09
C THR A 135 22.86 7.16 -10.59
N ILE A 136 21.78 7.60 -11.22
CA ILE A 136 21.78 7.90 -12.65
C ILE A 136 21.78 9.41 -12.91
N VAL A 137 20.78 10.13 -12.38
CA VAL A 137 20.69 11.56 -12.66
C VAL A 137 21.90 12.30 -12.12
N ALA A 138 22.24 12.10 -10.85
CA ALA A 138 23.26 12.94 -10.23
C ALA A 138 24.61 12.82 -10.92
N PRO A 139 25.12 11.64 -11.27
CA PRO A 139 26.40 11.63 -12.01
C PRO A 139 26.33 12.31 -13.37
N LEU A 140 25.21 12.18 -14.07
CA LEU A 140 25.09 12.92 -15.32
C LEU A 140 25.06 14.42 -15.07
N ALA A 141 24.39 14.85 -14.01
CA ALA A 141 24.20 16.28 -13.74
C ALA A 141 25.52 17.00 -13.54
N ALA A 142 26.54 16.28 -13.04
CA ALA A 142 27.88 16.84 -12.91
C ALA A 142 28.46 17.25 -14.25
N HIS A 143 27.94 16.73 -15.36
CA HIS A 143 28.49 17.01 -16.68
C HIS A 143 27.59 17.89 -17.54
N VAL A 144 26.61 18.58 -16.95
CA VAL A 144 25.78 19.52 -17.68
C VAL A 144 25.73 20.86 -16.94
N THR A 145 25.57 21.94 -17.69
CA THR A 145 25.50 23.28 -17.10
C THR A 145 24.20 23.45 -16.32
N GLU A 146 24.20 24.45 -15.44
CA GLU A 146 23.00 24.75 -14.67
C GLU A 146 21.81 25.09 -15.57
N ALA A 147 22.06 25.78 -16.69
CA ALA A 147 21.00 26.07 -17.65
C ALA A 147 20.48 24.78 -18.31
N ASP A 148 21.37 23.86 -18.68
CA ASP A 148 20.93 22.55 -19.18
C ASP A 148 20.03 21.87 -18.16
N ARG A 149 20.40 21.98 -16.88
CA ARG A 149 19.72 21.25 -15.82
C ARG A 149 18.30 21.81 -15.60
N ARG A 150 18.13 23.12 -15.72
CA ARG A 150 16.80 23.71 -15.55
C ARG A 150 15.90 23.37 -16.75
N ALA A 151 16.48 23.35 -17.94
CA ALA A 151 15.74 23.02 -19.14
C ALA A 151 15.20 21.59 -19.07
N ALA A 152 15.99 20.66 -18.52
CA ALA A 152 15.56 19.26 -18.46
C ALA A 152 14.36 19.10 -17.56
N GLU A 153 14.25 19.92 -16.52
CA GLU A 153 13.12 19.91 -15.62
C GLU A 153 11.83 20.39 -16.28
N GLU A 154 11.93 21.08 -17.41
CA GLU A 154 10.77 21.51 -18.20
C GLU A 154 10.34 20.34 -19.06
N LEU A 155 9.40 19.55 -18.56
CA LEU A 155 9.13 18.26 -19.17
C LEU A 155 8.47 18.45 -20.55
N PRO A 156 8.84 17.64 -21.55
CA PRO A 156 8.14 17.71 -22.84
C PRO A 156 6.66 17.33 -22.72
N ALA A 157 5.88 17.78 -23.70
CA ALA A 157 4.44 17.58 -23.66
C ALA A 157 4.00 16.13 -23.57
N PRO A 158 4.59 15.18 -24.32
CA PRO A 158 4.15 13.80 -24.17
C PRO A 158 4.42 13.25 -22.77
N VAL A 159 5.45 13.75 -22.08
CA VAL A 159 5.69 13.34 -20.70
C VAL A 159 4.64 13.95 -19.78
N ARG A 160 4.30 15.23 -19.99
CA ARG A 160 3.23 15.83 -19.20
C ARG A 160 1.91 15.11 -19.42
N GLU A 161 1.56 14.80 -20.68
CA GLU A 161 0.31 14.09 -20.93
C GLU A 161 0.26 12.75 -20.18
N LEU A 162 1.37 12.02 -20.15
CA LEU A 162 1.39 10.75 -19.41
C LEU A 162 1.18 10.98 -17.92
N LEU A 163 1.87 11.96 -17.33
CA LEU A 163 1.69 12.23 -15.90
C LEU A 163 0.25 12.64 -15.61
N ALA A 164 -0.38 13.36 -16.54
CA ALA A 164 -1.79 13.73 -16.37
C ALA A 164 -2.69 12.49 -16.46
N ALA A 165 -2.39 11.58 -17.40
CA ALA A 165 -3.07 10.29 -17.42
C ALA A 165 -2.90 9.53 -16.10
N MET A 166 -1.69 9.52 -15.52
CA MET A 166 -1.52 8.85 -14.23
C MET A 166 -2.33 9.54 -13.12
N ASP A 167 -2.35 10.88 -13.09
CA ASP A 167 -3.17 11.55 -12.09
C ASP A 167 -4.62 11.12 -12.18
N ARG A 168 -5.15 10.98 -13.39
CA ARG A 168 -6.53 10.56 -13.55
C ARG A 168 -6.72 9.11 -13.09
N LEU A 169 -5.76 8.23 -13.39
CA LEU A 169 -5.89 6.85 -12.93
C LEU A 169 -5.78 6.73 -11.41
N ALA A 170 -5.20 7.73 -10.74
CA ALA A 170 -5.03 7.63 -9.27
C ALA A 170 -6.35 7.57 -8.53
N ALA A 171 -7.44 8.01 -9.16
CA ALA A 171 -8.78 7.98 -8.58
C ALA A 171 -9.57 6.75 -9.01
N GLU A 172 -9.06 5.98 -9.96
CA GLU A 172 -9.86 4.94 -10.60
C GLU A 172 -9.67 3.62 -9.88
N PRO A 173 -10.76 2.94 -9.47
CA PRO A 173 -10.57 1.67 -8.77
C PRO A 173 -9.95 0.60 -9.65
N LEU A 174 -10.02 0.71 -10.96
CA LEU A 174 -9.26 -0.14 -11.87
C LEU A 174 -7.87 0.43 -12.19
N GLY A 175 -7.55 1.62 -11.68
CA GLY A 175 -6.37 2.33 -12.15
C GLY A 175 -5.07 1.57 -11.91
N SER A 176 -4.91 0.99 -10.72
CA SER A 176 -3.67 0.30 -10.41
C SER A 176 -3.49 -0.95 -11.27
N ALA A 177 -4.60 -1.61 -11.64
CA ALA A 177 -4.51 -2.76 -12.53
C ALA A 177 -4.14 -2.34 -13.94
N VAL A 178 -4.70 -1.24 -14.42
CA VAL A 178 -4.35 -0.72 -15.75
C VAL A 178 -2.87 -0.39 -15.82
N GLN A 179 -2.36 0.33 -14.81
CA GLN A 179 -0.98 0.81 -14.86
C GLN A 179 0.00 -0.34 -14.80
N LEU A 180 -0.22 -1.29 -13.88
CA LEU A 180 0.67 -2.45 -13.79
C LEU A 180 0.53 -3.36 -14.99
N ARG A 181 -0.65 -3.43 -15.60
CA ARG A 181 -0.81 -4.31 -16.75
C ARG A 181 0.06 -3.83 -17.90
N VAL A 182 0.12 -2.53 -18.11
CA VAL A 182 0.90 -1.99 -19.20
C VAL A 182 2.38 -1.91 -18.82
N VAL A 183 2.69 -1.40 -17.63
CA VAL A 183 4.10 -1.14 -17.32
C VAL A 183 4.88 -2.45 -17.22
N GLU A 184 4.26 -3.50 -16.71
CA GLU A 184 4.99 -4.79 -16.53
C GLU A 184 5.26 -5.41 -17.90
N THR A 185 4.43 -5.08 -18.87
CA THR A 185 4.67 -5.57 -20.22
C THR A 185 5.92 -4.96 -20.81
N ILE A 186 6.16 -3.68 -20.55
CA ILE A 186 7.23 -2.95 -21.23
C ILE A 186 8.46 -2.69 -20.36
N ALA A 187 8.41 -3.01 -19.05
CA ALA A 187 9.51 -2.66 -18.14
C ALA A 187 10.84 -3.28 -18.57
N LEU A 188 10.84 -4.54 -19.02
CA LEU A 188 12.09 -5.17 -19.42
C LEU A 188 12.77 -4.38 -20.53
N ASP A 189 12.02 -4.04 -21.60
CA ASP A 189 12.62 -3.35 -22.75
C ASP A 189 13.07 -1.94 -22.38
N ILE A 190 12.37 -1.27 -21.47
CA ILE A 190 12.84 0.04 -21.03
C ILE A 190 14.17 -0.09 -20.29
N ALA A 191 14.27 -1.01 -19.34
CA ALA A 191 15.50 -1.15 -18.57
C ALA A 191 16.67 -1.57 -19.47
N VAL A 192 16.44 -2.50 -20.42
CA VAL A 192 17.53 -2.84 -21.35
C VAL A 192 17.95 -1.62 -22.14
N GLY A 193 16.97 -0.82 -22.57
CA GLY A 193 17.33 0.40 -23.29
C GLY A 193 18.15 1.35 -22.44
N PHE A 194 17.78 1.52 -21.16
CA PHE A 194 18.59 2.37 -20.29
C PHE A 194 20.01 1.81 -20.15
N ARG A 195 20.17 0.50 -19.95
CA ARG A 195 21.51 -0.09 -19.88
C ARG A 195 22.34 0.30 -21.09
N ARG A 196 21.74 0.23 -22.28
CA ARG A 196 22.48 0.56 -23.49
C ARG A 196 22.74 2.06 -23.59
N VAL A 197 21.74 2.87 -23.25
CA VAL A 197 21.89 4.32 -23.37
C VAL A 197 23.00 4.82 -22.46
N TYR A 198 22.95 4.46 -21.17
CA TYR A 198 23.93 5.02 -20.25
C TYR A 198 25.28 4.34 -20.38
N GLY A 199 25.32 3.13 -20.96
CA GLY A 199 26.58 2.56 -21.39
C GLY A 199 27.29 3.37 -22.47
N LYS A 200 26.55 4.20 -23.21
CA LYS A 200 27.11 4.97 -24.30
C LYS A 200 27.27 6.45 -23.98
N VAL A 201 27.12 6.87 -22.73
CA VAL A 201 27.35 8.26 -22.36
C VAL A 201 28.83 8.47 -22.10
N LEU A 202 29.44 9.33 -22.91
CA LEU A 202 30.83 9.70 -22.79
C LEU A 202 30.89 11.18 -22.44
N ALA A 203 31.70 11.53 -21.44
CA ALA A 203 31.98 12.93 -21.19
C ALA A 203 33.33 13.36 -21.73
N GLY A 204 34.40 12.91 -21.09
CA GLY A 204 35.69 13.45 -21.48
C GLY A 204 36.31 12.45 -22.44
N GLY A 205 35.47 11.88 -23.29
CA GLY A 205 35.92 10.73 -24.08
C GLY A 205 35.75 9.54 -23.16
N GLU A 206 35.77 9.78 -21.84
CA GLU A 206 35.64 8.72 -20.82
C GLU A 206 34.17 8.46 -20.46
N PRO A 207 33.79 7.20 -20.19
CA PRO A 207 32.39 6.90 -19.88
C PRO A 207 32.01 7.54 -18.55
N VAL A 208 30.82 8.13 -18.52
CA VAL A 208 30.31 8.65 -17.26
C VAL A 208 30.00 7.51 -16.30
N PHE A 209 29.57 6.35 -16.83
CA PHE A 209 29.30 5.21 -15.97
C PHE A 209 30.39 4.18 -16.24
N GLY A 210 31.53 4.35 -15.56
CA GLY A 210 32.67 3.50 -15.77
C GLY A 210 32.81 2.36 -14.77
N GLU A 211 32.00 2.34 -13.71
CA GLU A 211 32.00 1.24 -12.75
C GLU A 211 30.70 0.42 -12.85
N LYS A 212 30.85 -0.90 -12.87
CA LYS A 212 29.74 -1.85 -12.90
C LYS A 212 28.64 -1.50 -11.91
N ASP A 213 29.00 -1.25 -10.64
CA ASP A 213 27.99 -0.97 -9.62
C ASP A 213 27.20 0.30 -9.92
N GLN A 214 27.65 1.14 -10.84
CA GLN A 214 26.87 2.31 -11.17
C GLN A 214 25.59 1.96 -11.93
N PHE A 215 25.51 0.77 -12.52
CA PHE A 215 24.32 0.32 -13.23
C PHE A 215 23.36 -0.48 -12.33
N ALA A 216 23.55 -0.42 -11.01
CA ALA A 216 22.86 -1.37 -10.14
C ALA A 216 21.35 -1.25 -10.23
N TRP A 217 20.84 -0.01 -10.31
CA TRP A 217 19.40 0.18 -10.50
C TRP A 217 18.93 -0.51 -11.77
N ILE A 218 19.67 -0.32 -12.86
CA ILE A 218 19.22 -0.84 -14.15
C ILE A 218 19.32 -2.35 -14.20
N ASP A 219 20.50 -2.90 -13.83
CA ASP A 219 20.69 -4.35 -13.82
C ASP A 219 19.70 -5.05 -12.89
N ALA A 220 19.35 -4.42 -11.76
CA ALA A 220 18.36 -5.05 -10.90
C ALA A 220 17.00 -5.10 -11.57
N HIS A 221 16.59 -4.04 -12.26
CA HIS A 221 15.31 -4.09 -12.96
C HIS A 221 15.34 -5.15 -14.08
N ILE A 222 16.43 -5.19 -14.86
CA ILE A 222 16.56 -6.22 -15.89
C ILE A 222 16.44 -7.61 -15.29
N LYS A 223 17.18 -7.87 -14.20
CA LYS A 223 17.10 -9.18 -13.54
C LYS A 223 15.69 -9.49 -13.08
N ALA A 224 15.05 -8.53 -12.40
CA ALA A 224 13.70 -8.78 -11.87
C ALA A 224 12.69 -9.03 -12.98
N GLU A 225 12.79 -8.30 -14.09
CA GLU A 225 11.82 -8.45 -15.17
C GLU A 225 12.07 -9.73 -15.97
N THR A 226 13.34 -10.12 -16.12
CA THR A 226 13.66 -11.38 -16.76
C THR A 226 12.96 -12.54 -16.06
N VAL A 227 12.98 -12.53 -14.73
CA VAL A 227 12.38 -13.67 -13.96
C VAL A 227 10.88 -13.45 -13.77
N HIS A 228 10.45 -12.21 -13.48
CA HIS A 228 9.04 -11.90 -13.23
C HIS A 228 8.16 -12.03 -14.46
N THR A 237 -4.25 -14.73 -10.30
CA THR A 237 -4.39 -13.42 -9.68
C THR A 237 -3.66 -12.33 -10.48
N GLY A 238 -3.73 -12.40 -11.82
CA GLY A 238 -3.22 -11.33 -12.67
C GLY A 238 -4.13 -10.13 -12.67
N MET A 239 -3.77 -9.14 -13.50
CA MET A 239 -4.38 -7.83 -13.32
C MET A 239 -5.83 -7.80 -13.77
N THR A 240 -6.20 -8.60 -14.78
CA THR A 240 -7.60 -8.71 -15.17
C THR A 240 -8.44 -9.38 -14.09
N GLY A 241 -7.81 -10.01 -13.10
CA GLY A 241 -8.51 -10.59 -11.97
C GLY A 241 -9.21 -9.58 -11.09
N LEU A 242 -8.99 -8.30 -11.32
CA LEU A 242 -9.68 -7.26 -10.56
C LEU A 242 -10.91 -6.73 -11.29
N VAL A 243 -11.26 -7.30 -12.43
CA VAL A 243 -12.43 -6.89 -13.19
C VAL A 243 -13.62 -7.75 -12.78
N THR A 244 -14.69 -7.11 -12.28
CA THR A 244 -15.77 -7.82 -11.62
C THR A 244 -17.06 -7.90 -12.43
N ASP A 245 -17.16 -7.23 -13.57
CA ASP A 245 -18.34 -7.38 -14.43
C ASP A 245 -17.98 -6.94 -15.85
N ALA A 246 -18.93 -7.12 -16.76
CA ALA A 246 -18.67 -6.84 -18.18
C ALA A 246 -18.38 -5.37 -18.42
N GLU A 247 -19.11 -4.49 -17.74
CA GLU A 247 -18.95 -3.05 -17.94
C GLU A 247 -17.57 -2.57 -17.48
N ARG A 248 -17.10 -3.10 -16.34
CA ARG A 248 -15.75 -2.81 -15.89
C ARG A 248 -14.73 -3.35 -16.88
N GLY A 249 -15.01 -4.54 -17.44
CA GLY A 249 -14.12 -5.09 -18.45
C GLY A 249 -13.96 -4.15 -19.63
N GLU A 250 -15.08 -3.60 -20.11
CA GLU A 250 -14.99 -2.62 -21.20
C GLU A 250 -14.21 -1.40 -20.77
N GLU A 251 -14.42 -0.93 -19.53
CA GLU A 251 -13.69 0.24 -19.06
C GLU A 251 -12.19 -0.05 -18.94
N PHE A 252 -11.83 -1.27 -18.51
CA PHE A 252 -10.43 -1.65 -18.40
C PHE A 252 -9.74 -1.56 -19.75
N VAL A 253 -10.31 -2.22 -20.77
CA VAL A 253 -9.73 -2.17 -22.12
C VAL A 253 -9.60 -0.72 -22.59
N ARG A 254 -10.61 0.11 -22.31
CA ARG A 254 -10.56 1.49 -22.77
C ARG A 254 -9.44 2.26 -22.09
N LEU A 255 -9.29 2.10 -20.77
CA LEU A 255 -8.19 2.78 -20.09
C LEU A 255 -6.82 2.24 -20.54
N VAL A 256 -6.71 0.94 -20.79
CA VAL A 256 -5.46 0.37 -21.28
C VAL A 256 -5.08 0.99 -22.63
N GLU A 257 -6.06 1.16 -23.54
CA GLU A 257 -5.78 1.80 -24.83
C GLU A 257 -5.24 3.20 -24.64
N GLU A 258 -5.91 4.00 -23.81
CA GLU A 258 -5.45 5.37 -23.58
C GLU A 258 -4.06 5.37 -22.96
N TYR A 259 -3.88 4.59 -21.91
CA TYR A 259 -2.65 4.62 -21.14
C TYR A 259 -1.48 4.11 -21.97
N ALA A 260 -1.67 3.01 -22.69
CA ALA A 260 -0.62 2.46 -23.54
C ALA A 260 -0.18 3.45 -24.61
N GLY A 261 -1.12 4.17 -25.22
CA GLY A 261 -0.73 5.09 -26.27
C GLY A 261 0.10 6.22 -25.71
N LEU A 262 -0.26 6.71 -24.52
CA LEU A 262 0.49 7.78 -23.86
C LEU A 262 1.88 7.32 -23.44
N TRP A 263 1.99 6.08 -22.97
CA TRP A 263 3.32 5.53 -22.69
C TRP A 263 4.15 5.50 -23.97
N SER A 264 3.55 5.03 -25.07
CA SER A 264 4.32 4.88 -26.31
C SER A 264 4.82 6.22 -26.80
N ALA A 265 3.96 7.25 -26.73
CA ALA A 265 4.36 8.59 -27.14
C ALA A 265 5.42 9.17 -26.20
N ALA A 266 5.39 8.82 -24.92
CA ALA A 266 6.42 9.32 -24.04
C ALA A 266 7.78 8.70 -24.37
N LEU A 267 7.80 7.40 -24.72
CA LEU A 267 9.03 6.71 -25.05
C LEU A 267 9.57 7.15 -26.41
N GLU A 268 8.66 7.39 -27.39
CA GLU A 268 9.07 8.02 -28.65
C GLU A 268 9.79 9.34 -28.41
N CYS A 269 9.36 10.07 -27.38
CA CYS A 269 10.00 11.32 -27.03
C CYS A 269 11.42 11.10 -26.48
N PHE A 270 11.65 10.03 -25.70
CA PHE A 270 13.02 9.59 -25.40
C PHE A 270 13.79 9.34 -26.68
N GLY A 271 13.24 8.51 -27.56
CA GLY A 271 13.91 8.17 -28.80
C GLY A 271 14.27 9.39 -29.63
N ASP A 272 13.34 10.34 -29.73
CA ASP A 272 13.57 11.59 -30.45
C ASP A 272 14.74 12.35 -29.87
N ARG A 273 14.78 12.46 -28.54
CA ARG A 273 15.85 13.19 -27.88
C ARG A 273 17.23 12.57 -28.15
N LEU A 274 17.30 11.25 -28.34
CA LEU A 274 18.58 10.59 -28.58
C LEU A 274 19.01 10.70 -30.03
N THR A 275 18.09 10.99 -30.94
CA THR A 275 18.41 11.16 -32.35
C THR A 275 18.37 12.65 -32.69
N GLY A 276 18.41 12.95 -33.97
CA GLY A 276 18.41 14.33 -34.45
C GLY A 276 19.00 15.45 -33.60
N PRO B 9 10.57 21.14 -1.28
CA PRO B 9 9.44 21.86 -0.70
C PRO B 9 8.31 20.98 -0.16
N LEU B 10 8.63 20.13 0.81
CA LEU B 10 7.66 19.44 1.68
C LEU B 10 8.59 18.78 2.69
N SER B 11 8.32 18.97 3.98
CA SER B 11 9.14 18.30 5.00
C SER B 11 8.34 18.22 6.31
N PRO B 12 8.74 17.34 7.22
CA PRO B 12 8.00 17.23 8.48
C PRO B 12 8.32 18.42 9.38
N LEU B 13 7.60 18.47 10.51
CA LEU B 13 7.83 19.48 11.52
C LEU B 13 9.17 19.22 12.22
N PRO B 14 9.75 20.26 12.84
CA PRO B 14 10.99 20.05 13.61
C PRO B 14 10.75 19.06 14.74
N ALA B 15 11.84 18.37 15.12
CA ALA B 15 11.77 17.28 16.10
C ALA B 15 11.03 17.71 17.37
N VAL B 16 11.40 18.88 17.91
CA VAL B 16 10.79 19.35 19.16
C VAL B 16 9.29 19.48 18.99
N ALA B 17 8.85 20.24 17.98
CA ALA B 17 7.41 20.39 17.76
C ALA B 17 6.73 19.06 17.46
N ARG B 18 7.48 18.03 17.03
CA ARG B 18 6.89 16.73 16.75
C ARG B 18 6.72 15.91 18.03
N ALA B 19 7.78 15.79 18.84
CA ALA B 19 7.65 15.14 20.13
C ALA B 19 6.58 15.82 21.00
N GLU B 20 6.29 17.10 20.74
CA GLU B 20 5.17 17.77 21.39
C GLU B 20 3.84 17.22 20.88
N LEU B 21 3.69 17.08 19.56
CA LEU B 21 2.51 16.42 19.03
C LEU B 21 2.42 14.98 19.51
N ASP B 22 3.56 14.31 19.69
CA ASP B 22 3.54 12.95 20.22
C ASP B 22 3.01 12.92 21.65
N ALA B 23 3.29 13.97 22.42
CA ALA B 23 2.81 14.03 23.80
C ALA B 23 1.32 14.36 23.86
N ARG B 24 0.86 15.35 23.08
CA ARG B 24 -0.56 15.63 22.98
C ARG B 24 -1.34 14.40 22.50
N THR B 25 -0.67 13.54 21.72
CA THR B 25 -1.31 12.34 21.18
C THR B 25 -1.53 11.29 22.25
N GLU B 26 -0.45 10.91 22.96
CA GLU B 26 -0.56 9.96 24.04
C GLU B 26 -1.52 10.44 25.12
N ARG B 27 -1.77 11.75 25.19
CA ARG B 27 -2.69 12.27 26.19
C ARG B 27 -4.15 12.11 25.76
N GLU B 28 -4.43 12.23 24.46
CA GLU B 28 -5.79 11.97 24.00
C GLU B 28 -6.12 10.49 24.07
N ILE B 29 -5.12 9.62 23.93
CA ILE B 29 -5.30 8.18 24.15
C ILE B 29 -5.61 7.89 25.61
N ASP B 30 -4.93 8.60 26.54
CA ASP B 30 -5.25 8.51 27.96
C ASP B 30 -6.70 8.90 28.22
N ARG B 31 -7.03 10.17 27.95
CA ARG B 31 -8.38 10.70 28.13
C ARG B 31 -9.44 9.78 27.53
N ALA B 32 -9.14 9.13 26.39
CA ALA B 32 -10.11 8.26 25.74
C ALA B 32 -10.39 6.99 26.52
N ARG B 33 -9.56 6.67 27.52
CA ARG B 33 -9.72 5.47 28.35
C ARG B 33 -9.44 4.22 27.51
N LEU B 34 -8.32 4.25 26.79
CA LEU B 34 -7.95 3.11 25.91
C LEU B 34 -6.74 2.39 26.52
N ARG B 35 -6.37 2.76 27.74
CA ARG B 35 -5.20 2.15 28.43
C ARG B 35 -5.61 0.81 29.07
N ARG B 36 -4.64 -0.10 29.23
CA ARG B 36 -4.94 -1.47 29.72
C ARG B 36 -5.89 -1.52 30.91
N ALA B 37 -5.88 -0.51 31.78
CA ALA B 37 -6.68 -0.59 33.03
C ALA B 37 -7.92 0.31 32.97
N ASP B 38 -8.08 1.11 31.92
CA ASP B 38 -9.22 2.06 31.92
C ASP B 38 -10.36 1.62 31.00
N ASN B 39 -10.16 0.62 30.13
CA ASN B 39 -11.24 0.30 29.21
C ASN B 39 -11.99 -0.95 29.67
N GLY B 40 -13.32 -0.86 29.66
CA GLY B 40 -14.16 -1.96 30.13
C GLY B 40 -13.88 -3.27 29.44
N PHE B 41 -13.43 -3.23 28.17
CA PHE B 41 -13.21 -4.48 27.44
C PHE B 41 -12.04 -5.28 28.02
N PHE B 42 -10.94 -4.60 28.36
CA PHE B 42 -9.79 -5.31 28.90
C PHE B 42 -10.07 -5.86 30.29
N ARG B 43 -10.77 -5.08 31.11
CA ARG B 43 -11.15 -5.54 32.44
C ARG B 43 -12.07 -6.76 32.36
N SER B 44 -13.16 -6.62 31.61
CA SER B 44 -14.13 -7.70 31.49
C SER B 44 -13.49 -8.97 30.95
N ALA B 45 -12.70 -8.85 29.88
CA ALA B 45 -12.01 -10.00 29.32
C ALA B 45 -11.24 -10.78 30.38
N ARG B 46 -10.59 -10.06 31.30
CA ARG B 46 -9.86 -10.70 32.39
C ARG B 46 -10.81 -11.22 33.47
N ASP B 47 -11.81 -10.41 33.83
CA ASP B 47 -12.66 -10.67 34.99
C ASP B 47 -13.68 -11.78 34.77
N VAL B 48 -14.34 -11.80 33.60
CA VAL B 48 -15.48 -12.70 33.42
C VAL B 48 -15.04 -14.15 33.55
N GLU B 49 -15.97 -15.00 34.01
CA GLU B 49 -15.68 -16.41 34.25
C GLU B 49 -16.00 -17.28 33.04
N SER B 50 -17.15 -17.03 32.40
CA SER B 50 -17.56 -17.78 31.23
C SER B 50 -18.21 -16.84 30.22
N VAL B 51 -18.14 -17.24 28.95
CA VAL B 51 -18.73 -16.49 27.84
C VAL B 51 -19.51 -17.48 26.99
N SER B 52 -20.78 -17.15 26.71
CA SER B 52 -21.62 -18.03 25.92
C SER B 52 -21.15 -18.06 24.47
N PRO B 53 -21.39 -19.16 23.76
CA PRO B 53 -21.10 -19.15 22.32
C PRO B 53 -21.71 -17.96 21.61
N ALA B 54 -22.94 -17.58 21.96
CA ALA B 54 -23.60 -16.51 21.22
C ALA B 54 -22.93 -15.17 21.46
N ASP B 55 -22.47 -14.92 22.69
CA ASP B 55 -21.85 -13.63 22.99
C ASP B 55 -20.47 -13.53 22.38
N GLY B 56 -19.70 -14.62 22.45
CA GLY B 56 -18.38 -14.63 21.85
C GLY B 56 -18.44 -14.51 20.34
N HIS B 57 -19.47 -15.12 19.73
CA HIS B 57 -19.63 -15.06 18.27
C HIS B 57 -19.98 -13.66 17.81
N ALA B 58 -20.87 -12.99 18.56
CA ALA B 58 -21.29 -11.63 18.18
C ALA B 58 -20.09 -10.68 18.16
N VAL B 59 -19.29 -10.71 19.22
CA VAL B 59 -18.09 -9.87 19.31
C VAL B 59 -17.10 -10.25 18.20
N ALA B 60 -17.01 -11.54 17.89
CA ALA B 60 -16.11 -11.97 16.82
C ALA B 60 -16.56 -11.46 15.46
N VAL B 61 -17.87 -11.42 15.20
CA VAL B 61 -18.37 -10.83 13.96
C VAL B 61 -18.08 -9.34 13.93
N TRP B 62 -18.36 -8.63 15.03
CA TRP B 62 -18.10 -7.19 15.08
C TRP B 62 -16.63 -6.91 14.80
N TRP B 63 -15.74 -7.67 15.45
CA TRP B 63 -14.32 -7.46 15.27
C TRP B 63 -13.91 -7.76 13.85
N ARG B 64 -14.52 -8.78 13.23
CA ARG B 64 -14.22 -9.06 11.83
C ARG B 64 -14.48 -7.83 10.98
N GLN B 65 -15.63 -7.19 11.15
CA GLN B 65 -15.97 -6.06 10.31
C GLN B 65 -15.14 -4.83 10.67
N MET B 66 -14.77 -4.69 11.93
CA MET B 66 -13.99 -3.54 12.34
C MET B 66 -12.57 -3.62 11.79
N THR B 67 -11.98 -4.81 11.84
CA THR B 67 -10.63 -4.98 11.37
C THR B 67 -10.55 -4.99 9.84
N LYS B 68 -11.57 -5.55 9.18
CA LYS B 68 -11.68 -5.41 7.73
C LYS B 68 -11.74 -3.94 7.33
N ALA B 69 -12.54 -3.13 8.03
CA ALA B 69 -12.65 -1.73 7.66
C ALA B 69 -11.36 -0.98 8.00
N PHE B 70 -10.72 -1.35 9.09
CA PHE B 70 -9.47 -0.71 9.48
C PHE B 70 -8.42 -0.91 8.40
N MET B 71 -8.25 -2.15 7.94
CA MET B 71 -7.21 -2.37 6.96
C MET B 71 -7.52 -1.63 5.66
N PHE B 72 -8.74 -1.78 5.12
CA PHE B 72 -9.03 -1.18 3.81
C PHE B 72 -9.06 0.35 3.87
N THR B 73 -9.64 0.94 4.92
CA THR B 73 -9.70 2.40 4.98
C THR B 73 -8.32 2.99 5.29
N THR B 74 -7.51 2.31 6.11
CA THR B 74 -6.14 2.75 6.29
C THR B 74 -5.36 2.69 4.98
N LEU B 75 -5.55 1.63 4.21
CA LEU B 75 -4.91 1.54 2.87
C LEU B 75 -5.39 2.71 1.99
N ALA B 76 -6.70 3.00 2.04
CA ALA B 76 -7.22 4.09 1.21
C ALA B 76 -6.68 5.43 1.66
N GLY B 77 -6.48 5.61 2.96
CA GLY B 77 -5.79 6.81 3.44
C GLY B 77 -4.35 6.90 2.97
N LEU B 78 -3.65 5.77 2.91
CA LEU B 78 -2.31 5.79 2.32
C LEU B 78 -2.39 6.20 0.86
N GLY B 79 -3.40 5.71 0.15
CA GLY B 79 -3.58 6.11 -1.24
C GLY B 79 -3.84 7.60 -1.39
N ALA B 80 -4.61 8.17 -0.48
CA ALA B 80 -4.88 9.61 -0.60
C ALA B 80 -3.62 10.42 -0.34
N LEU B 81 -2.76 9.95 0.57
CA LEU B 81 -1.45 10.60 0.76
C LEU B 81 -0.56 10.41 -0.47
N ALA B 82 -0.53 9.20 -1.04
CA ALA B 82 0.22 8.95 -2.26
C ALA B 82 -0.19 9.92 -3.38
N ARG B 83 -1.49 10.17 -3.50
CA ARG B 83 -1.99 11.07 -4.55
C ARG B 83 -1.40 12.47 -4.39
N ASP B 84 -1.26 12.93 -3.15
CA ASP B 84 -0.60 14.21 -2.85
C ASP B 84 0.88 14.17 -3.22
N TYR B 85 1.58 13.11 -2.79
CA TYR B 85 3.02 13.03 -3.01
C TYR B 85 3.37 12.90 -4.48
N ALA B 86 2.43 12.45 -5.31
CA ALA B 86 2.69 12.36 -6.74
C ALA B 86 2.79 13.74 -7.36
N ARG B 87 2.17 14.73 -6.75
CA ARG B 87 2.14 16.11 -7.21
C ARG B 87 3.19 16.98 -6.55
N ARG B 88 3.49 16.76 -5.27
CA ARG B 88 4.44 17.57 -4.53
C ARG B 88 5.82 16.91 -4.56
N ASP B 89 6.75 17.41 -3.77
CA ASP B 89 8.08 16.81 -3.66
C ASP B 89 8.38 16.61 -2.18
N ALA B 90 8.12 15.40 -1.68
CA ALA B 90 8.35 15.09 -0.28
C ALA B 90 9.83 14.79 -0.05
N ASP B 91 10.41 15.41 0.97
CA ASP B 91 11.79 15.10 1.29
C ASP B 91 11.89 13.70 1.86
N ARG B 92 13.13 13.24 2.09
CA ARG B 92 13.36 11.83 2.40
C ARG B 92 12.86 11.43 3.79
N GLU B 93 12.79 12.37 4.73
CA GLU B 93 12.27 11.99 6.04
C GLU B 93 10.76 11.79 6.00
N LEU B 94 10.06 12.56 5.17
CA LEU B 94 8.66 12.29 4.89
C LEU B 94 8.50 10.92 4.22
N LEU B 95 9.28 10.69 3.15
CA LEU B 95 9.23 9.40 2.46
C LEU B 95 9.49 8.26 3.42
N GLY B 96 10.40 8.47 4.37
CA GLY B 96 10.68 7.43 5.36
C GLY B 96 9.47 7.06 6.20
N ALA B 97 8.73 8.06 6.68
CA ALA B 97 7.52 7.75 7.44
C ALA B 97 6.43 7.19 6.55
N PHE B 98 6.37 7.64 5.30
CA PHE B 98 5.48 7.02 4.32
C PHE B 98 5.76 5.52 4.22
N GLN B 99 7.04 5.13 4.14
CA GLN B 99 7.35 3.71 4.03
C GLN B 99 6.82 2.95 5.23
N THR B 100 6.86 3.56 6.42
CA THR B 100 6.38 2.89 7.62
C THR B 100 4.90 2.55 7.50
N VAL B 101 4.07 3.46 6.98
CA VAL B 101 2.66 3.15 6.80
C VAL B 101 2.50 1.92 5.93
N TYR B 102 3.16 1.92 4.77
CA TYR B 102 3.08 0.81 3.85
C TYR B 102 3.51 -0.49 4.54
N GLN B 103 4.60 -0.43 5.31
CA GLN B 103 5.11 -1.63 5.96
C GLN B 103 4.15 -2.15 7.04
N VAL B 104 3.58 -1.25 7.84
CA VAL B 104 2.79 -1.67 9.00
C VAL B 104 1.45 -2.26 8.54
N ILE B 105 0.71 -1.51 7.72
CA ILE B 105 -0.56 -2.04 7.24
C ILE B 105 -0.34 -3.24 6.33
N GLY B 106 0.85 -3.38 5.76
CA GLY B 106 1.11 -4.52 4.89
C GLY B 106 1.04 -5.87 5.59
N ASP B 107 1.29 -5.91 6.89
CA ASP B 107 1.20 -7.17 7.60
C ASP B 107 -0.23 -7.70 7.63
N ASP B 108 -1.22 -6.82 7.86
CA ASP B 108 -2.63 -7.26 7.85
C ASP B 108 -3.06 -7.78 6.49
N LEU B 109 -2.43 -7.29 5.43
CA LEU B 109 -2.80 -7.69 4.09
C LEU B 109 -1.94 -8.83 3.58
N ASP B 110 -0.70 -8.94 4.06
CA ASP B 110 0.24 -9.86 3.46
C ASP B 110 1.12 -10.65 4.42
N ASN B 111 1.07 -10.39 5.72
CA ASN B 111 1.85 -11.17 6.70
C ASN B 111 3.34 -11.14 6.37
N ALA B 112 3.87 -9.93 6.12
CA ALA B 112 5.28 -9.77 5.77
C ALA B 112 6.17 -10.06 6.98
N ALA B 113 5.83 -9.45 8.13
CA ALA B 113 6.63 -9.58 9.35
C ALA B 113 6.79 -11.05 9.75
N PRO B 114 7.93 -11.42 10.37
CA PRO B 114 8.23 -12.85 10.57
C PRO B 114 7.32 -13.54 11.59
N GLU B 115 6.82 -12.80 12.59
CA GLU B 115 5.83 -13.35 13.53
C GLU B 115 4.62 -13.90 12.79
N PHE B 116 4.16 -13.18 11.76
CA PHE B 116 2.98 -13.63 11.03
C PHE B 116 3.33 -14.67 9.98
N SER B 117 4.41 -14.46 9.23
CA SER B 117 4.68 -15.32 8.08
C SER B 117 4.96 -16.77 8.47
N ALA B 118 5.35 -17.02 9.71
CA ALA B 118 5.50 -18.40 10.17
C ALA B 118 4.15 -19.12 10.19
N VAL B 119 3.14 -18.49 10.81
CA VAL B 119 1.93 -19.20 11.20
C VAL B 119 0.76 -18.91 10.24
N ALA B 120 0.77 -17.74 9.61
CA ALA B 120 -0.40 -17.29 8.85
C ALA B 120 -0.65 -18.23 7.67
N PRO B 121 -1.91 -18.48 7.33
CA PRO B 121 -2.21 -19.12 6.05
C PRO B 121 -1.66 -18.27 4.92
N THR B 122 -1.34 -18.90 3.81
CA THR B 122 -0.77 -18.14 2.70
C THR B 122 -1.88 -17.59 1.82
N GLY B 123 -1.55 -16.57 1.05
CA GLY B 123 -2.50 -15.98 0.13
C GLY B 123 -3.62 -15.25 0.86
N PRO B 124 -4.79 -15.14 0.23
CA PRO B 124 -5.87 -14.33 0.83
C PRO B 124 -6.40 -14.89 2.13
N ALA B 125 -6.29 -16.20 2.36
CA ALA B 125 -6.70 -16.78 3.62
C ALA B 125 -5.90 -16.22 4.78
N GLY B 126 -4.74 -15.62 4.52
CA GLY B 126 -3.94 -15.01 5.55
C GLY B 126 -4.28 -13.57 5.86
N ILE B 127 -5.09 -12.91 5.01
CA ILE B 127 -5.55 -11.57 5.32
C ILE B 127 -6.24 -11.60 6.66
N HIS B 128 -5.90 -10.66 7.53
CA HIS B 128 -6.16 -10.88 8.94
C HIS B 128 -7.65 -10.96 9.25
N TYR B 129 -8.50 -10.17 8.59
CA TYR B 129 -9.92 -10.33 8.89
C TYR B 129 -10.46 -11.65 8.36
N VAL B 130 -9.83 -12.19 7.31
CA VAL B 130 -10.20 -13.49 6.77
C VAL B 130 -9.71 -14.61 7.69
N TRP B 131 -8.46 -14.51 8.12
CA TRP B 131 -7.89 -15.48 9.04
C TRP B 131 -8.67 -15.50 10.36
N TRP B 132 -9.11 -14.33 10.83
CA TRP B 132 -9.98 -14.25 12.00
C TRP B 132 -11.35 -14.91 11.73
N ASP B 133 -11.97 -14.56 10.61
CA ASP B 133 -13.22 -15.17 10.19
C ASP B 133 -13.11 -16.70 10.19
N ASP B 134 -12.04 -17.21 9.57
CA ASP B 134 -11.91 -18.66 9.40
C ASP B 134 -11.65 -19.38 10.71
N THR B 135 -10.89 -18.78 11.63
CA THR B 135 -10.45 -19.52 12.81
C THR B 135 -11.16 -19.13 14.10
N ILE B 136 -11.90 -18.04 14.14
CA ILE B 136 -12.63 -17.64 15.34
C ILE B 136 -14.14 -17.60 15.10
N VAL B 137 -14.57 -16.86 14.06
CA VAL B 137 -16.01 -16.73 13.80
C VAL B 137 -16.62 -18.08 13.45
N ALA B 138 -16.06 -18.74 12.43
CA ALA B 138 -16.61 -20.00 11.93
C ALA B 138 -16.78 -21.07 13.01
N PRO B 139 -15.76 -21.39 13.84
CA PRO B 139 -16.00 -22.38 14.92
C PRO B 139 -17.09 -21.96 15.89
N LEU B 140 -17.16 -20.69 16.25
CA LEU B 140 -18.28 -20.23 17.06
C LEU B 140 -19.60 -20.38 16.33
N ALA B 141 -19.63 -20.03 15.04
CA ALA B 141 -20.87 -20.06 14.26
C ALA B 141 -21.56 -21.42 14.35
N ALA B 142 -20.79 -22.50 14.46
CA ALA B 142 -21.36 -23.84 14.47
C ALA B 142 -22.14 -24.13 15.74
N HIS B 143 -22.03 -23.28 16.77
CA HIS B 143 -22.67 -23.49 18.06
C HIS B 143 -23.74 -22.44 18.37
N VAL B 144 -24.12 -21.62 17.40
CA VAL B 144 -25.21 -20.67 17.55
C VAL B 144 -26.26 -20.96 16.49
N THR B 145 -27.43 -20.32 16.64
CA THR B 145 -28.55 -20.50 15.74
C THR B 145 -28.44 -19.54 14.55
N GLU B 146 -29.09 -19.94 13.46
CA GLU B 146 -29.22 -19.06 12.30
C GLU B 146 -29.65 -17.65 12.70
N ALA B 147 -30.65 -17.54 13.59
CA ALA B 147 -31.09 -16.23 14.04
C ALA B 147 -30.00 -15.47 14.79
N ASP B 148 -29.13 -16.17 15.51
CA ASP B 148 -28.00 -15.48 16.15
C ASP B 148 -27.01 -14.96 15.13
N ARG B 149 -26.72 -15.76 14.10
CA ARG B 149 -25.78 -15.33 13.07
C ARG B 149 -26.34 -14.13 12.31
N ARG B 150 -27.66 -14.10 12.11
CA ARG B 150 -28.29 -12.94 11.48
C ARG B 150 -28.15 -11.71 12.37
N ALA B 151 -28.45 -11.86 13.66
CA ALA B 151 -28.45 -10.69 14.53
C ALA B 151 -27.06 -10.11 14.71
N ALA B 152 -26.02 -10.95 14.70
CA ALA B 152 -24.65 -10.44 14.90
C ALA B 152 -24.18 -9.57 13.76
N GLU B 153 -24.65 -9.83 12.53
CA GLU B 153 -24.27 -9.01 11.38
C GLU B 153 -24.84 -7.60 11.45
N GLU B 154 -25.87 -7.38 12.25
CA GLU B 154 -26.48 -6.05 12.38
C GLU B 154 -25.71 -5.37 13.50
N LEU B 155 -24.75 -4.54 13.10
CA LEU B 155 -23.74 -4.07 14.02
C LEU B 155 -24.34 -3.06 15.00
N PRO B 156 -23.86 -3.04 16.24
CA PRO B 156 -24.33 -2.02 17.18
C PRO B 156 -23.86 -0.63 16.79
N ALA B 157 -24.59 0.35 17.30
CA ALA B 157 -24.35 1.75 16.95
C ALA B 157 -22.92 2.19 17.23
N PRO B 158 -22.33 1.94 18.41
CA PRO B 158 -20.94 2.35 18.60
C PRO B 158 -19.98 1.75 17.57
N VAL B 159 -20.22 0.52 17.12
CA VAL B 159 -19.40 -0.06 16.07
C VAL B 159 -19.65 0.64 14.73
N ARG B 160 -20.92 0.90 14.38
CA ARG B 160 -21.21 1.58 13.13
C ARG B 160 -20.58 2.97 13.10
N GLU B 161 -20.58 3.67 14.24
CA GLU B 161 -20.04 5.01 14.27
C GLU B 161 -18.54 5.02 14.03
N LEU B 162 -17.83 4.04 14.59
CA LEU B 162 -16.41 3.87 14.26
C LEU B 162 -16.22 3.60 12.77
N LEU B 163 -16.99 2.65 12.20
CA LEU B 163 -16.87 2.34 10.78
C LEU B 163 -17.07 3.57 9.92
N ALA B 164 -18.09 4.38 10.26
CA ALA B 164 -18.38 5.57 9.48
C ALA B 164 -17.22 6.56 9.56
N ALA B 165 -16.54 6.64 10.71
CA ALA B 165 -15.37 7.51 10.82
C ALA B 165 -14.21 6.98 9.97
N MET B 166 -13.96 5.67 10.00
CA MET B 166 -12.96 5.09 9.10
C MET B 166 -13.25 5.43 7.65
N ASP B 167 -14.52 5.36 7.22
CA ASP B 167 -14.86 5.73 5.85
C ASP B 167 -14.48 7.18 5.52
N ARG B 168 -14.51 8.08 6.52
CA ARG B 168 -14.11 9.46 6.29
C ARG B 168 -12.59 9.61 6.31
N LEU B 169 -11.90 8.93 7.24
CA LEU B 169 -10.44 8.95 7.22
C LEU B 169 -9.87 8.28 5.97
N ALA B 170 -10.67 7.46 5.29
CA ALA B 170 -10.19 6.79 4.08
C ALA B 170 -9.80 7.78 2.98
N ALA B 171 -10.44 8.96 2.95
CA ALA B 171 -10.14 9.97 1.95
C ALA B 171 -9.30 11.12 2.51
N GLU B 172 -8.82 11.00 3.75
CA GLU B 172 -8.00 11.97 4.47
C GLU B 172 -6.52 11.71 4.22
N PRO B 173 -5.75 12.69 3.73
CA PRO B 173 -4.28 12.51 3.63
C PRO B 173 -3.59 12.20 4.95
N LEU B 174 -4.12 12.67 6.09
CA LEU B 174 -3.61 12.27 7.40
C LEU B 174 -4.27 11.00 7.95
N GLY B 175 -5.19 10.38 7.19
CA GLY B 175 -6.01 9.32 7.74
C GLY B 175 -5.24 8.08 8.17
N SER B 176 -4.28 7.62 7.35
CA SER B 176 -3.52 6.43 7.74
C SER B 176 -2.69 6.70 8.99
N ALA B 177 -2.16 7.92 9.11
CA ALA B 177 -1.34 8.25 10.28
C ALA B 177 -2.18 8.26 11.55
N VAL B 178 -3.36 8.86 11.50
CA VAL B 178 -4.28 8.85 12.64
C VAL B 178 -4.61 7.41 13.05
N GLN B 179 -5.15 6.62 12.12
CA GLN B 179 -5.63 5.28 12.46
C GLN B 179 -4.50 4.39 12.99
N LEU B 180 -3.32 4.44 12.36
CA LEU B 180 -2.23 3.59 12.81
C LEU B 180 -1.67 4.05 14.16
N ARG B 181 -1.62 5.36 14.39
CA ARG B 181 -1.07 5.85 15.65
C ARG B 181 -1.92 5.40 16.83
N VAL B 182 -3.24 5.42 16.69
CA VAL B 182 -4.11 4.95 17.76
C VAL B 182 -4.16 3.43 17.81
N VAL B 183 -4.47 2.77 16.68
CA VAL B 183 -4.75 1.34 16.74
C VAL B 183 -3.52 0.56 17.21
N GLU B 184 -2.34 0.88 16.67
CA GLU B 184 -1.12 0.14 17.03
C GLU B 184 -0.76 0.32 18.50
N THR B 185 -1.21 1.40 19.13
CA THR B 185 -0.99 1.55 20.56
C THR B 185 -1.81 0.54 21.36
N ILE B 186 -3.09 0.37 21.02
CA ILE B 186 -3.99 -0.48 21.81
C ILE B 186 -4.05 -1.91 21.29
N ALA B 187 -3.40 -2.22 20.17
CA ALA B 187 -3.60 -3.51 19.53
C ALA B 187 -3.25 -4.65 20.46
N LEU B 188 -2.17 -4.50 21.24
CA LEU B 188 -1.72 -5.58 22.11
C LEU B 188 -2.77 -5.91 23.14
N ASP B 189 -3.26 -4.88 23.84
CA ASP B 189 -4.29 -5.08 24.85
C ASP B 189 -5.52 -5.78 24.28
N ILE B 190 -5.97 -5.36 23.09
CA ILE B 190 -7.11 -6.01 22.44
C ILE B 190 -6.81 -7.50 22.20
N ALA B 191 -5.62 -7.80 21.70
CA ALA B 191 -5.28 -9.19 21.41
C ALA B 191 -5.21 -10.03 22.69
N VAL B 192 -4.68 -9.45 23.78
CA VAL B 192 -4.66 -10.15 25.06
C VAL B 192 -6.07 -10.32 25.61
N GLY B 193 -6.94 -9.34 25.41
CA GLY B 193 -8.36 -9.52 25.72
C GLY B 193 -8.97 -10.70 24.99
N PHE B 194 -8.74 -10.80 23.69
CA PHE B 194 -9.32 -11.88 22.90
C PHE B 194 -8.81 -13.25 23.37
N ARG B 195 -7.52 -13.34 23.73
CA ARG B 195 -6.97 -14.59 24.23
C ARG B 195 -7.70 -15.05 25.50
N ARG B 196 -7.94 -14.13 26.44
CA ARG B 196 -8.72 -14.45 27.62
C ARG B 196 -10.13 -14.86 27.25
N VAL B 197 -10.84 -14.00 26.50
CA VAL B 197 -12.26 -14.19 26.22
C VAL B 197 -12.53 -15.53 25.54
N TYR B 198 -11.73 -15.87 24.53
CA TYR B 198 -12.03 -17.08 23.77
C TYR B 198 -11.42 -18.33 24.39
N GLY B 199 -10.62 -18.19 25.45
CA GLY B 199 -10.35 -19.32 26.30
C GLY B 199 -11.52 -19.70 27.18
N LYS B 200 -12.42 -18.75 27.45
CA LYS B 200 -13.52 -18.91 28.38
C LYS B 200 -14.87 -19.16 27.70
N VAL B 201 -14.89 -19.39 26.39
CA VAL B 201 -16.13 -19.71 25.67
C VAL B 201 -16.35 -21.22 25.75
N LEU B 202 -17.41 -21.62 26.44
CA LEU B 202 -17.66 -23.07 26.62
C LEU B 202 -18.97 -23.44 25.92
N ALA B 203 -18.98 -24.60 25.26
CA ALA B 203 -20.21 -25.07 24.61
C ALA B 203 -20.34 -26.58 24.82
N GLY B 204 -21.44 -27.03 25.43
CA GLY B 204 -21.66 -28.48 25.63
C GLY B 204 -20.93 -28.95 26.86
N GLY B 205 -20.36 -28.02 27.61
CA GLY B 205 -19.64 -28.34 28.85
C GLY B 205 -18.19 -27.90 28.82
N GLU B 206 -17.52 -27.92 27.66
CA GLU B 206 -16.09 -27.61 27.64
C GLU B 206 -15.75 -26.54 26.59
N PRO B 207 -14.50 -26.07 26.54
CA PRO B 207 -14.18 -24.92 25.66
C PRO B 207 -14.26 -25.23 24.16
N VAL B 208 -14.68 -24.20 23.40
CA VAL B 208 -14.75 -24.31 21.96
C VAL B 208 -13.35 -24.31 21.35
N PHE B 209 -12.43 -23.56 21.94
CA PHE B 209 -11.06 -23.45 21.46
C PHE B 209 -10.16 -24.15 22.48
N GLY B 210 -9.87 -25.44 22.22
CA GLY B 210 -9.07 -26.24 23.12
C GLY B 210 -7.60 -26.31 22.77
N GLU B 211 -7.29 -26.50 21.49
CA GLU B 211 -5.91 -26.65 21.03
C GLU B 211 -5.22 -25.29 20.92
N LYS B 212 -3.91 -25.30 21.22
CA LYS B 212 -3.13 -24.06 21.16
C LYS B 212 -3.11 -23.48 19.75
N ASP B 213 -3.12 -24.32 18.72
CA ASP B 213 -3.11 -23.81 17.36
C ASP B 213 -4.39 -23.03 17.04
N GLN B 214 -5.48 -23.26 17.76
CA GLN B 214 -6.70 -22.49 17.49
C GLN B 214 -6.55 -21.02 17.85
N PHE B 215 -5.52 -20.66 18.60
CA PHE B 215 -5.26 -19.28 18.98
C PHE B 215 -4.21 -18.61 18.09
N ALA B 216 -3.92 -19.21 16.93
CA ALA B 216 -2.78 -18.76 16.13
C ALA B 216 -2.89 -17.28 15.78
N TRP B 217 -4.09 -16.83 15.39
CA TRP B 217 -4.28 -15.43 15.03
C TRP B 217 -3.98 -14.53 16.22
N ILE B 218 -4.51 -14.91 17.39
CA ILE B 218 -4.35 -14.07 18.57
C ILE B 218 -2.91 -14.12 19.08
N ASP B 219 -2.33 -15.32 19.15
CA ASP B 219 -0.95 -15.43 19.64
C ASP B 219 0.01 -14.62 18.76
N ALA B 220 -0.04 -14.84 17.44
CA ALA B 220 0.81 -14.07 16.53
C ALA B 220 0.66 -12.56 16.73
N HIS B 221 -0.55 -12.10 17.04
CA HIS B 221 -0.74 -10.68 17.26
C HIS B 221 -0.12 -10.21 18.57
N ILE B 222 -0.19 -11.05 19.61
CA ILE B 222 0.37 -10.63 20.89
C ILE B 222 1.86 -10.38 20.75
N LYS B 223 2.55 -11.23 19.98
CA LYS B 223 3.98 -11.06 19.74
C LYS B 223 4.26 -9.88 18.81
N ALA B 224 3.59 -9.84 17.65
CA ALA B 224 3.95 -8.88 16.61
C ALA B 224 3.54 -7.46 16.96
N GLU B 225 2.42 -7.28 17.66
CA GLU B 225 1.90 -5.93 17.87
C GLU B 225 2.76 -5.11 18.82
N THR B 226 3.69 -5.74 19.54
CA THR B 226 4.69 -5.00 20.32
C THR B 226 5.57 -4.14 19.41
N VAL B 227 6.04 -4.73 18.31
CA VAL B 227 6.94 -4.01 17.42
C VAL B 227 6.17 -3.02 16.55
N HIS B 228 4.92 -3.33 16.17
CA HIS B 228 4.13 -2.37 15.39
C HIS B 228 3.86 -1.09 16.19
N ALA B 229 3.54 -1.23 17.48
CA ALA B 229 3.35 -0.06 18.33
C ALA B 229 4.61 0.79 18.40
N ALA B 230 5.77 0.13 18.50
CA ALA B 230 7.06 0.84 18.49
C ALA B 230 7.34 1.48 17.14
N GLN B 231 6.84 0.91 16.04
CA GLN B 231 7.07 1.49 14.71
C GLN B 231 6.29 2.79 14.52
N VAL B 232 5.05 2.86 15.01
CA VAL B 232 4.26 4.08 14.81
C VAL B 232 4.64 5.22 15.74
N SER B 233 5.38 4.95 16.82
CA SER B 233 5.82 6.00 17.73
C SER B 233 7.29 6.37 17.54
N ASP B 234 8.01 5.67 16.66
CA ASP B 234 9.40 6.01 16.36
C ASP B 234 9.53 7.49 15.98
N ASP B 235 10.47 8.19 16.63
CA ASP B 235 10.51 9.63 16.47
C ASP B 235 11.21 10.10 15.18
N GLU B 236 11.61 9.18 14.30
CA GLU B 236 12.11 9.52 12.97
C GLU B 236 11.13 9.08 11.88
N THR B 237 10.78 7.79 11.87
CA THR B 237 9.88 7.21 10.88
C THR B 237 8.49 6.89 11.45
N GLY B 238 8.03 7.66 12.45
CA GLY B 238 6.73 7.44 13.06
C GLY B 238 5.63 8.31 12.46
N MET B 239 4.42 8.16 13.02
CA MET B 239 3.23 8.67 12.34
C MET B 239 3.20 10.21 12.34
N THR B 240 3.69 10.87 13.39
CA THR B 240 3.70 12.33 13.40
C THR B 240 4.75 12.91 12.46
N GLY B 241 5.72 12.09 12.04
CA GLY B 241 6.62 12.46 10.96
C GLY B 241 5.94 12.71 9.63
N LEU B 242 4.65 12.39 9.51
CA LEU B 242 3.87 12.71 8.31
C LEU B 242 3.19 14.08 8.40
N VAL B 243 3.36 14.79 9.51
CA VAL B 243 2.78 16.12 9.67
C VAL B 243 3.76 17.13 9.12
N THR B 244 3.30 17.96 8.18
CA THR B 244 4.16 18.85 7.42
C THR B 244 4.07 20.32 7.83
N ASP B 245 2.95 20.77 8.41
CA ASP B 245 2.89 22.13 8.96
C ASP B 245 2.09 22.13 10.27
N ALA B 246 2.18 23.27 10.98
CA ALA B 246 1.56 23.37 12.31
C ALA B 246 0.04 23.25 12.25
N GLU B 247 -0.57 23.70 11.14
CA GLU B 247 -2.01 23.58 10.98
C GLU B 247 -2.42 22.11 10.80
N ARG B 248 -1.73 21.42 9.88
CA ARG B 248 -1.92 19.99 9.69
C ARG B 248 -1.83 19.24 11.02
N GLY B 249 -0.87 19.60 11.87
CA GLY B 249 -0.72 18.92 13.15
C GLY B 249 -1.91 19.17 14.07
N GLU B 250 -2.48 20.37 14.01
CA GLU B 250 -3.71 20.62 14.74
C GLU B 250 -4.83 19.72 14.24
N GLU B 251 -4.96 19.58 12.91
CA GLU B 251 -5.95 18.66 12.36
C GLU B 251 -5.69 17.23 12.84
N PHE B 252 -4.41 16.85 12.93
CA PHE B 252 -4.06 15.52 13.41
C PHE B 252 -4.63 15.24 14.79
N VAL B 253 -4.50 16.20 15.71
CA VAL B 253 -4.93 15.96 17.07
C VAL B 253 -6.46 15.96 17.16
N ARG B 254 -7.11 16.87 16.43
CA ARG B 254 -8.56 16.85 16.29
C ARG B 254 -9.06 15.48 15.82
N LEU B 255 -8.39 14.90 14.81
CA LEU B 255 -8.88 13.63 14.29
C LEU B 255 -8.54 12.47 15.20
N VAL B 256 -7.40 12.52 15.89
CA VAL B 256 -7.04 11.47 16.85
C VAL B 256 -8.03 11.43 18.00
N GLU B 257 -8.39 12.60 18.52
CA GLU B 257 -9.44 12.72 19.52
C GLU B 257 -10.73 12.03 19.05
N GLU B 258 -11.27 12.48 17.92
CA GLU B 258 -12.46 11.85 17.36
C GLU B 258 -12.32 10.34 17.28
N TYR B 259 -11.16 9.88 16.80
CA TYR B 259 -10.98 8.46 16.47
C TYR B 259 -10.74 7.64 17.74
N ALA B 260 -9.85 8.11 18.62
CA ALA B 260 -9.65 7.39 19.87
C ALA B 260 -10.95 7.29 20.66
N GLY B 261 -11.80 8.31 20.57
CA GLY B 261 -13.06 8.27 21.29
C GLY B 261 -14.01 7.20 20.76
N LEU B 262 -14.20 7.17 19.43
CA LEU B 262 -15.04 6.15 18.83
C LEU B 262 -14.49 4.74 19.06
N TRP B 263 -13.16 4.60 19.07
CA TRP B 263 -12.55 3.30 19.35
C TRP B 263 -12.83 2.86 20.79
N SER B 264 -12.85 3.82 21.72
CA SER B 264 -13.12 3.49 23.11
C SER B 264 -14.56 3.04 23.30
N ALA B 265 -15.52 3.78 22.75
CA ALA B 265 -16.93 3.40 22.83
C ALA B 265 -17.18 2.05 22.16
N ALA B 266 -16.58 1.81 20.99
CA ALA B 266 -16.77 0.52 20.34
C ALA B 266 -16.27 -0.62 21.22
N LEU B 267 -15.12 -0.43 21.87
CA LEU B 267 -14.56 -1.48 22.72
C LEU B 267 -15.38 -1.69 23.99
N GLU B 268 -15.94 -0.61 24.55
CA GLU B 268 -16.84 -0.75 25.69
C GLU B 268 -18.04 -1.58 25.31
N CYS B 269 -18.53 -1.40 24.08
CA CYS B 269 -19.59 -2.22 23.56
C CYS B 269 -19.22 -3.70 23.61
N PHE B 270 -17.96 -4.05 23.33
CA PHE B 270 -17.52 -5.43 23.49
C PHE B 270 -17.67 -5.87 24.95
N GLY B 271 -17.25 -5.01 25.88
CA GLY B 271 -17.27 -5.38 27.29
C GLY B 271 -18.67 -5.65 27.81
N ASP B 272 -19.61 -4.77 27.47
CA ASP B 272 -21.00 -4.95 27.89
C ASP B 272 -21.58 -6.27 27.37
N ARG B 273 -21.29 -6.61 26.12
CA ARG B 273 -21.82 -7.86 25.58
C ARG B 273 -21.24 -9.05 26.34
N LEU B 274 -20.05 -8.90 26.91
CA LEU B 274 -19.43 -10.01 27.61
C LEU B 274 -19.98 -10.14 29.02
N THR B 275 -20.16 -9.02 29.72
CA THR B 275 -20.84 -9.04 31.02
C THR B 275 -22.34 -9.22 31.23
N GLY B 276 -23.18 -8.46 30.52
CA GLY B 276 -24.59 -8.73 30.29
C GLY B 276 -25.43 -7.50 30.02
#